data_6S0C
#
_entry.id   6S0C
#
_cell.length_a   56.784
_cell.length_b   123.255
_cell.length_c   128.328
_cell.angle_alpha   90.00
_cell.angle_beta   90.00
_cell.angle_gamma   90.00
#
_symmetry.space_group_name_H-M   'I 2 2 2'
#
loop_
_entity.id
_entity.type
_entity.pdbx_description
1 polymer 'Cystathionine gamma-synthase'
2 non-polymer 'TRIETHYLENE GLYCOL'
3 non-polymer "PYRIDOXAL-5'-PHOSPHATE"
4 water water
#
_entity_poly.entity_id   1
_entity_poly.type   'polypeptide(L)'
_entity_poly.pdbx_seq_one_letter_code
;MSD(SCH)RTYGFNTQIVHAGQQPDPSTGALSTPIFQTSTFVFDSAEQGAARFALEESGYIYTRLGNPTTDALEKKLAVL
ERGEAGLATASGISAITTTLLTLCQQGDHIVSASAIYG(SCH)THAFLSHSMPKFGINVSFVDAAKPEEIRAAMRPETKV
VYIETPANPTLSLVDIETVAGIAHQQGALLVVDNTFMSPYCQQPLQLGADIVVHSVTKYINGHGDVIGGIIVGKQEFIDQ
ARFVGLKDITGG(SCH)MSPFNAWLTLRGVKTLGIRMERHCENALKIARFLEGHPSITRVYYPGLSSHPQYELGQRQMSL
PGGIISFEIAGGLEAGRRMINSVELCLLAVSLGDTETLIQHPASMTHSPVAPEERLKAGITDGLIRLSVGLEDPEDIIND
LEHAIRKATF
;
_entity_poly.pdbx_strand_id   A
#
loop_
_chem_comp.id
_chem_comp.type
_chem_comp.name
_chem_comp.formula
PGE non-polymer 'TRIETHYLENE GLYCOL' 'C6 H14 O4'
PLP non-polymer PYRIDOXAL-5'-PHOSPHATE 'C8 H10 N O6 P'
#
# COMPACT_ATOMS: atom_id res chain seq x y z
N SER A 2 -9.58 -28.97 -8.41
CA SER A 2 -10.34 -27.95 -7.71
C SER A 2 -9.91 -26.53 -8.12
N ASP A 3 -10.64 -25.53 -7.63
CA ASP A 3 -10.39 -24.15 -8.01
C ASP A 3 -10.16 -23.31 -6.76
N SCH A 4 -8.98 -22.70 -6.67
CA SCH A 4 -8.62 -21.95 -5.49
CB SCH A 4 -7.19 -21.38 -5.48
SG SCH A 4 -6.06 -22.18 -4.39
SD SCH A 4 -7.02 -23.11 -2.77
CE SCH A 4 -6.72 -24.82 -3.00
C SCH A 4 -9.57 -20.80 -5.15
O SCH A 4 -9.73 -20.37 -4.01
N ARG A 5 -10.23 -20.29 -6.19
CA ARG A 5 -11.15 -19.17 -5.99
C ARG A 5 -12.42 -19.55 -5.20
N THR A 6 -12.61 -20.86 -4.95
CA THR A 6 -13.77 -21.33 -4.19
C THR A 6 -13.49 -21.52 -2.70
N TYR A 7 -12.24 -21.47 -2.26
CA TYR A 7 -11.90 -21.76 -0.87
C TYR A 7 -11.96 -20.50 -0.01
N GLY A 8 -11.87 -20.71 1.31
CA GLY A 8 -11.82 -19.59 2.24
C GLY A 8 -10.55 -18.76 2.07
N PHE A 9 -10.58 -17.56 2.66
CA PHE A 9 -9.52 -16.59 2.39
C PHE A 9 -8.18 -17.03 2.94
N ASN A 10 -8.15 -17.67 4.12
CA ASN A 10 -6.88 -18.16 4.65
C ASN A 10 -6.33 -19.29 3.78
N THR A 11 -7.21 -20.19 3.33
CA THR A 11 -6.80 -21.22 2.39
C THR A 11 -6.21 -20.60 1.12
N GLN A 12 -6.84 -19.53 0.62
CA GLN A 12 -6.33 -18.87 -0.58
C GLN A 12 -4.97 -18.23 -0.33
N ILE A 13 -4.81 -17.55 0.81
CA ILE A 13 -3.52 -16.99 1.18
C ILE A 13 -2.42 -18.04 1.07
N VAL A 14 -2.68 -19.24 1.59
CA VAL A 14 -1.66 -20.28 1.60
C VAL A 14 -1.45 -20.87 0.20
N HIS A 15 -2.54 -21.13 -0.53
CA HIS A 15 -2.45 -21.98 -1.73
C HIS A 15 -2.61 -21.27 -3.07
N ALA A 16 -3.31 -20.14 -3.14
CA ALA A 16 -3.64 -19.57 -4.44
C ALA A 16 -2.38 -19.24 -5.23
N GLY A 17 -2.43 -19.50 -6.54
CA GLY A 17 -1.31 -19.26 -7.42
C GLY A 17 -0.19 -20.28 -7.33
N GLN A 18 -0.28 -21.25 -6.44
CA GLN A 18 0.83 -22.15 -6.17
C GLN A 18 0.38 -23.60 -6.23
N GLN A 19 1.31 -24.48 -6.55
CA GLN A 19 1.07 -25.91 -6.52
C GLN A 19 2.41 -26.61 -6.51
N PRO A 20 2.46 -27.87 -6.11
CA PRO A 20 3.73 -28.59 -6.17
C PRO A 20 4.25 -28.62 -7.60
N ASP A 21 5.57 -28.58 -7.73
CA ASP A 21 6.19 -28.60 -9.05
C ASP A 21 5.85 -29.91 -9.75
N PRO A 22 5.23 -29.88 -10.93
CA PRO A 22 4.86 -31.14 -11.58
C PRO A 22 6.05 -32.04 -11.90
N SER A 23 7.17 -31.44 -12.31
CA SER A 23 8.32 -32.22 -12.75
C SER A 23 9.01 -32.93 -11.58
N THR A 24 9.06 -32.30 -10.41
CA THR A 24 9.82 -32.84 -9.28
C THR A 24 9.01 -33.12 -8.04
N GLY A 25 7.80 -32.56 -7.92
CA GLY A 25 7.06 -32.66 -6.68
C GLY A 25 7.46 -31.66 -5.60
N ALA A 26 8.45 -30.81 -5.84
CA ALA A 26 8.87 -29.84 -4.84
C ALA A 26 7.66 -29.01 -4.39
N LEU A 27 7.46 -28.92 -3.07
CA LEU A 27 6.29 -28.18 -2.58
C LEU A 27 6.51 -26.67 -2.70
N SER A 28 7.64 -26.16 -2.20
CA SER A 28 7.93 -24.74 -2.37
C SER A 28 8.00 -24.40 -3.84
N THR A 29 7.50 -23.23 -4.19
CA THR A 29 7.67 -22.75 -5.56
C THR A 29 9.16 -22.60 -5.81
N PRO A 30 9.70 -23.22 -6.86
CA PRO A 30 11.14 -23.08 -7.11
C PRO A 30 11.47 -21.63 -7.40
N ILE A 31 12.72 -21.25 -7.10
CA ILE A 31 13.22 -19.92 -7.46
C ILE A 31 13.79 -20.04 -8.86
N PHE A 32 13.06 -19.54 -9.85
CA PHE A 32 13.54 -19.55 -11.23
C PHE A 32 14.41 -18.32 -11.47
N GLN A 33 15.58 -18.33 -10.85
CA GLN A 33 16.51 -17.20 -10.93
C GLN A 33 17.28 -17.36 -12.24
N THR A 34 16.62 -16.95 -13.32
CA THR A 34 17.17 -17.09 -14.66
C THR A 34 16.85 -15.80 -15.41
N SER A 35 17.67 -15.50 -16.40
CA SER A 35 17.33 -14.44 -17.33
C SER A 35 16.90 -15.00 -18.66
N THR A 36 17.33 -16.21 -18.98
CA THR A 36 17.23 -16.83 -20.28
C THR A 36 16.30 -18.04 -20.20
N PHE A 37 15.44 -18.18 -21.20
CA PHE A 37 14.63 -19.37 -21.41
C PHE A 37 14.94 -19.93 -22.79
N VAL A 38 14.98 -21.26 -22.90
CA VAL A 38 15.41 -21.95 -24.12
C VAL A 38 14.18 -22.50 -24.84
N PHE A 39 14.26 -22.57 -26.17
CA PHE A 39 13.23 -23.17 -26.99
C PHE A 39 13.69 -24.51 -27.54
N ASP A 40 12.74 -25.44 -27.75
CA ASP A 40 13.07 -26.75 -28.26
C ASP A 40 13.33 -26.77 -29.76
N SER A 41 12.82 -25.77 -30.48
CA SER A 41 12.94 -25.73 -31.94
C SER A 41 12.64 -24.31 -32.40
N ALA A 42 12.96 -24.05 -33.67
CA ALA A 42 12.58 -22.77 -34.27
C ALA A 42 11.08 -22.53 -34.13
N GLU A 43 10.29 -23.58 -34.29
CA GLU A 43 8.83 -23.44 -34.29
C GLU A 43 8.30 -23.08 -32.91
N GLN A 44 8.87 -23.65 -31.85
CA GLN A 44 8.43 -23.29 -30.51
C GLN A 44 8.83 -21.87 -30.15
N GLY A 45 9.99 -21.41 -30.64
CA GLY A 45 10.40 -20.04 -30.39
C GLY A 45 9.50 -19.01 -31.05
N ALA A 46 8.98 -19.34 -32.25
CA ALA A 46 8.04 -18.44 -32.91
C ALA A 46 6.68 -18.48 -32.23
N ALA A 47 6.24 -19.66 -31.82
CA ALA A 47 4.92 -19.80 -31.19
C ALA A 47 4.83 -18.97 -29.91
N ARG A 48 5.87 -19.01 -29.08
CA ARG A 48 5.87 -18.21 -27.86
C ARG A 48 5.94 -16.71 -28.16
N PHE A 49 6.34 -16.33 -29.38
CA PHE A 49 6.40 -14.93 -29.76
C PHE A 49 5.10 -14.48 -30.43
N TYR A 56 7.33 -19.25 -21.51
CA TYR A 56 8.28 -18.20 -21.08
C TYR A 56 9.37 -17.96 -22.12
N ILE A 57 9.91 -16.73 -22.13
CA ILE A 57 10.95 -16.35 -23.08
C ILE A 57 12.09 -15.64 -22.37
N TYR A 58 11.75 -14.79 -21.41
CA TYR A 58 12.69 -13.85 -20.82
C TYR A 58 12.05 -13.27 -19.56
N THR A 59 12.77 -13.25 -18.43
CA THR A 59 12.18 -12.83 -17.16
C THR A 59 11.61 -11.41 -17.25
N ARG A 60 12.11 -10.59 -18.17
CA ARG A 60 11.53 -9.27 -18.38
C ARG A 60 10.12 -9.35 -18.96
N LEU A 61 9.77 -10.44 -19.63
CA LEU A 61 8.39 -10.67 -20.04
C LEU A 61 7.57 -11.37 -18.97
N GLY A 62 8.19 -12.30 -18.25
CA GLY A 62 7.48 -13.13 -17.29
C GLY A 62 8.41 -14.20 -16.75
N ASN A 63 8.01 -14.83 -15.64
CA ASN A 63 8.87 -15.79 -14.94
C ASN A 63 7.96 -16.65 -14.09
N PRO A 64 8.21 -17.96 -13.98
CA PRO A 64 7.25 -18.83 -13.26
C PRO A 64 7.10 -18.48 -11.79
N THR A 65 8.17 -18.06 -11.12
CA THR A 65 8.08 -17.68 -9.72
C THR A 65 7.22 -16.43 -9.56
N THR A 66 7.49 -15.42 -10.38
CA THR A 66 6.75 -14.17 -10.30
C THR A 66 5.31 -14.37 -10.72
N ASP A 67 5.07 -15.24 -11.70
CA ASP A 67 3.71 -15.56 -12.12
C ASP A 67 2.88 -16.11 -10.95
N ALA A 68 3.49 -16.94 -10.11
CA ALA A 68 2.78 -17.49 -8.95
C ALA A 68 2.33 -16.37 -8.01
N LEU A 69 3.21 -15.41 -7.75
CA LEU A 69 2.86 -14.27 -6.91
C LEU A 69 1.74 -13.46 -7.53
N GLU A 70 1.85 -13.17 -8.83
CA GLU A 70 0.83 -12.39 -9.51
C GLU A 70 -0.53 -13.07 -9.44
N LYS A 71 -0.57 -14.38 -9.70
CA LYS A 71 -1.83 -15.10 -9.64
CA LYS A 71 -1.84 -15.11 -9.64
C LYS A 71 -2.41 -15.12 -8.22
N LYS A 72 -1.56 -15.27 -7.21
CA LYS A 72 -2.04 -15.29 -5.83
C LYS A 72 -2.68 -13.95 -5.48
N LEU A 73 -1.97 -12.85 -5.73
CA LEU A 73 -2.52 -11.54 -5.38
C LEU A 73 -3.78 -11.21 -6.18
N ALA A 74 -3.86 -11.64 -7.44
CA ALA A 74 -5.11 -11.49 -8.18
C ALA A 74 -6.27 -12.21 -7.49
N VAL A 75 -6.04 -13.44 -7.01
CA VAL A 75 -7.10 -14.14 -6.29
C VAL A 75 -7.50 -13.37 -5.02
N LEU A 76 -6.50 -12.90 -4.27
CA LEU A 76 -6.79 -12.25 -2.99
C LEU A 76 -7.53 -10.93 -3.16
N GLU A 77 -7.26 -10.18 -4.23
CA GLU A 77 -7.99 -8.94 -4.48
C GLU A 77 -9.25 -9.15 -5.31
N ARG A 78 -9.55 -10.39 -5.71
CA ARG A 78 -10.70 -10.68 -6.56
C ARG A 78 -10.60 -9.96 -7.91
N GLY A 79 -9.38 -9.90 -8.45
CA GLY A 79 -9.12 -9.34 -9.76
C GLY A 79 -8.76 -10.43 -10.75
N GLU A 80 -8.74 -10.04 -12.03
CA GLU A 80 -8.45 -11.04 -13.07
C GLU A 80 -6.98 -11.41 -13.13
N ALA A 81 -6.08 -10.44 -12.99
CA ALA A 81 -4.68 -10.67 -13.27
C ALA A 81 -3.81 -9.75 -12.40
N GLY A 82 -2.56 -10.17 -12.21
CA GLY A 82 -1.61 -9.39 -11.43
C GLY A 82 -0.33 -9.16 -12.20
N LEU A 83 0.40 -8.14 -11.78
CA LEU A 83 1.69 -7.79 -12.38
C LEU A 83 2.62 -7.28 -11.29
N ALA A 84 3.73 -7.99 -11.07
CA ALA A 84 4.70 -7.64 -10.03
C ALA A 84 5.71 -6.62 -10.57
N THR A 85 6.19 -5.76 -9.68
CA THR A 85 7.11 -4.69 -10.08
C THR A 85 8.25 -4.54 -9.08
N ALA A 86 9.24 -3.73 -9.47
CA ALA A 86 10.46 -3.52 -8.71
C ALA A 86 10.24 -2.77 -7.41
N SER A 87 9.13 -2.03 -7.29
CA SER A 87 8.85 -1.22 -6.12
C SER A 87 7.39 -0.81 -6.16
N GLY A 88 6.87 -0.41 -5.00
CA GLY A 88 5.54 0.20 -4.97
C GLY A 88 5.44 1.40 -5.88
N ILE A 89 6.47 2.24 -5.89
CA ILE A 89 6.41 3.40 -6.79
C ILE A 89 6.34 2.94 -8.25
N SER A 90 7.10 1.90 -8.62
CA SER A 90 6.98 1.38 -9.98
C SER A 90 5.58 0.81 -10.29
N ALA A 91 4.91 0.22 -9.30
CA ALA A 91 3.55 -0.24 -9.56
C ALA A 91 2.66 0.95 -9.93
N ILE A 92 2.79 2.05 -9.20
CA ILE A 92 1.99 3.25 -9.42
C ILE A 92 2.34 3.89 -10.76
N THR A 93 3.64 4.09 -11.04
CA THR A 93 3.99 4.80 -12.27
C THR A 93 3.82 3.93 -13.51
N THR A 94 4.10 2.63 -13.42
CA THR A 94 3.81 1.77 -14.56
C THR A 94 2.33 1.82 -14.90
N THR A 95 1.47 1.79 -13.88
CA THR A 95 0.03 1.90 -14.10
C THR A 95 -0.33 3.23 -14.78
N LEU A 96 0.09 4.35 -14.18
CA LEU A 96 -0.38 5.64 -14.67
C LEU A 96 0.27 6.01 -16.01
N LEU A 97 1.53 5.65 -16.20
CA LEU A 97 2.18 5.92 -17.48
C LEU A 97 1.67 5.01 -18.59
N THR A 98 1.10 3.84 -18.25
CA THR A 98 0.42 3.04 -19.27
C THR A 98 -0.90 3.69 -19.68
N LEU A 99 -1.62 4.25 -18.71
CA LEU A 99 -2.96 4.75 -18.95
C LEU A 99 -2.98 6.13 -19.58
N CYS A 100 -1.97 6.94 -19.33
CA CYS A 100 -2.03 8.37 -19.65
C CYS A 100 -0.96 8.78 -20.64
N GLN A 101 -1.29 9.78 -21.46
CA GLN A 101 -0.35 10.39 -22.38
C GLN A 101 -0.54 11.89 -22.35
N GLN A 102 0.35 12.59 -23.05
CA GLN A 102 0.30 14.04 -23.15
C GLN A 102 -1.11 14.54 -23.47
N GLY A 103 -1.58 15.49 -22.66
CA GLY A 103 -2.92 16.05 -22.81
C GLY A 103 -3.95 15.45 -21.87
N ASP A 104 -3.66 14.29 -21.26
CA ASP A 104 -4.59 13.66 -20.34
C ASP A 104 -4.52 14.33 -18.97
N HIS A 105 -5.47 13.98 -18.11
CA HIS A 105 -5.61 14.59 -16.80
C HIS A 105 -5.91 13.52 -15.77
N ILE A 106 -5.45 13.75 -14.54
CA ILE A 106 -5.70 12.89 -13.40
C ILE A 106 -6.27 13.73 -12.26
N VAL A 107 -7.30 13.23 -11.60
CA VAL A 107 -7.73 13.78 -10.32
C VAL A 107 -7.17 12.88 -9.22
N SER A 108 -6.38 13.45 -8.31
CA SER A 108 -5.76 12.68 -7.25
C SER A 108 -6.13 13.24 -5.88
N ALA A 109 -6.31 12.34 -4.92
CA ALA A 109 -6.28 12.73 -3.52
C ALA A 109 -5.01 13.51 -3.21
N SER A 110 -5.13 14.50 -2.32
CA SER A 110 -3.96 15.21 -1.81
C SER A 110 -3.24 14.41 -0.72
N ALA A 111 -3.99 13.66 0.08
CA ALA A 111 -3.42 12.88 1.18
C ALA A 111 -2.94 11.55 0.62
N ILE A 112 -1.77 11.59 -0.02
CA ILE A 112 -1.16 10.41 -0.62
C ILE A 112 0.29 10.32 -0.17
N TYR A 113 0.87 9.14 -0.43
CA TYR A 113 2.26 8.86 -0.11
C TYR A 113 3.17 9.90 -0.76
N GLY A 114 4.19 10.32 -0.02
CA GLY A 114 5.04 11.42 -0.44
C GLY A 114 5.68 11.28 -1.81
N SCH A 115 6.21 10.10 -2.10
CA SCH A 115 6.84 9.88 -3.36
CA SCH A 115 6.84 9.85 -3.36
CB SCH A 115 7.71 8.62 -3.42
CB SCH A 115 7.63 8.55 -3.41
SG SCH A 115 9.22 8.87 -2.55
SG SCH A 115 8.95 8.52 -2.24
SD SCH A 115 8.84 8.57 -0.50
SD SCH A 115 9.63 10.48 -2.00
CE SCH A 115 8.71 10.17 0.19
CE SCH A 115 9.05 11.00 -0.43
C SCH A 115 5.87 9.89 -4.54
O SCH A 115 6.13 10.33 -5.66
N THR A 116 4.66 9.39 -4.27
CA THR A 116 3.59 9.44 -5.27
C THR A 116 3.24 10.89 -5.56
N HIS A 117 3.17 11.71 -4.49
CA HIS A 117 2.88 13.12 -4.69
C HIS A 117 3.93 13.79 -5.58
N ALA A 118 5.20 13.44 -5.37
CA ALA A 118 6.26 14.04 -6.19
C ALA A 118 6.14 13.66 -7.66
N PHE A 119 5.86 12.38 -7.93
CA PHE A 119 5.61 11.92 -9.30
C PHE A 119 4.46 12.69 -9.92
N LEU A 120 3.35 12.84 -9.19
CA LEU A 120 2.18 13.49 -9.75
C LEU A 120 2.36 14.99 -9.89
N SER A 121 3.08 15.62 -8.95
CA SER A 121 3.16 17.08 -8.98
CA SER A 121 3.20 17.08 -8.93
C SER A 121 4.25 17.58 -9.91
N HIS A 122 5.34 16.82 -10.08
CA HIS A 122 6.46 17.29 -10.88
C HIS A 122 6.70 16.47 -12.15
N SER A 123 6.64 15.15 -12.07
CA SER A 123 7.00 14.33 -13.23
C SER A 123 5.89 14.31 -14.28
N MET A 124 4.67 14.02 -13.87
CA MET A 124 3.56 13.98 -14.82
C MET A 124 3.43 15.27 -15.63
N PRO A 125 3.42 16.46 -15.03
CA PRO A 125 3.25 17.67 -15.84
C PRO A 125 4.37 17.88 -16.83
N LYS A 126 5.58 17.36 -16.56
CA LYS A 126 6.64 17.51 -17.53
C LYS A 126 6.45 16.60 -18.74
N PHE A 127 5.57 15.61 -18.64
CA PHE A 127 5.18 14.78 -19.77
C PHE A 127 3.86 15.22 -20.39
N GLY A 128 3.37 16.40 -20.03
CA GLY A 128 2.11 16.90 -20.56
C GLY A 128 0.87 16.34 -19.91
N ILE A 129 1.01 15.67 -18.78
CA ILE A 129 -0.12 15.06 -18.09
C ILE A 129 -0.42 15.90 -16.85
N ASN A 130 -1.61 16.51 -16.82
CA ASN A 130 -1.93 17.43 -15.74
C ASN A 130 -2.67 16.71 -14.62
N VAL A 131 -2.46 17.20 -13.40
CA VAL A 131 -3.01 16.55 -12.21
C VAL A 131 -3.68 17.63 -11.35
N SER A 132 -4.89 17.35 -10.90
CA SER A 132 -5.59 18.19 -9.94
C SER A 132 -5.68 17.44 -8.62
N PHE A 133 -5.23 18.08 -7.53
CA PHE A 133 -5.26 17.49 -6.20
C PHE A 133 -6.47 18.00 -5.45
N VAL A 134 -7.18 17.10 -4.77
CA VAL A 134 -8.40 17.43 -4.07
C VAL A 134 -8.41 16.70 -2.73
N ASP A 135 -9.32 17.11 -1.85
CA ASP A 135 -9.56 16.39 -0.60
C ASP A 135 -10.53 15.25 -0.91
N ALA A 136 -10.00 14.03 -1.03
CA ALA A 136 -10.82 12.90 -1.43
C ALA A 136 -11.76 12.40 -0.34
N ALA A 137 -11.66 12.91 0.89
CA ALA A 137 -12.69 12.66 1.88
C ALA A 137 -14.00 13.35 1.53
N LYS A 138 -13.97 14.24 0.53
CA LYS A 138 -15.15 15.00 0.09
C LYS A 138 -15.37 14.63 -1.36
N PRO A 139 -16.20 13.61 -1.63
CA PRO A 139 -16.36 13.14 -3.01
C PRO A 139 -16.82 14.21 -3.98
N GLU A 140 -17.51 15.24 -3.49
CA GLU A 140 -17.91 16.34 -4.35
C GLU A 140 -16.71 17.08 -4.92
N GLU A 141 -15.57 17.11 -4.20
CA GLU A 141 -14.39 17.78 -4.75
C GLU A 141 -13.79 16.98 -5.89
N ILE A 142 -13.88 15.64 -5.82
CA ILE A 142 -13.46 14.81 -6.93
C ILE A 142 -14.32 15.11 -8.15
N ARG A 143 -15.65 15.10 -7.98
CA ARG A 143 -16.55 15.38 -9.10
C ARG A 143 -16.24 16.73 -9.74
N ALA A 144 -16.06 17.76 -8.90
CA ALA A 144 -15.90 19.11 -9.43
C ALA A 144 -14.60 19.27 -10.21
N ALA A 145 -13.60 18.42 -9.96
CA ALA A 145 -12.31 18.54 -10.62
C ALA A 145 -12.23 17.75 -11.92
N MET A 146 -13.24 16.95 -12.25
N MET A 146 -13.24 16.94 -12.23
CA MET A 146 -13.15 16.10 -13.43
CA MET A 146 -13.22 16.13 -13.43
C MET A 146 -13.38 16.91 -14.70
C MET A 146 -13.30 17.01 -14.67
N ARG A 147 -12.62 16.59 -15.73
CA ARG A 147 -12.57 17.29 -17.00
C ARG A 147 -12.80 16.29 -18.11
N PRO A 148 -13.08 16.77 -19.33
CA PRO A 148 -13.22 15.84 -20.45
C PRO A 148 -12.00 14.97 -20.67
N GLU A 149 -10.82 15.47 -20.26
CA GLU A 149 -9.57 14.75 -20.47
CA GLU A 149 -9.55 14.79 -20.44
C GLU A 149 -9.17 13.88 -19.28
N THR A 150 -9.98 13.83 -18.23
CA THR A 150 -9.64 13.01 -17.06
C THR A 150 -9.73 11.53 -17.40
N LYS A 151 -8.60 10.83 -17.25
CA LYS A 151 -8.54 9.40 -17.48
C LYS A 151 -8.61 8.59 -16.20
N VAL A 152 -8.17 9.15 -15.08
CA VAL A 152 -7.93 8.40 -13.85
C VAL A 152 -8.30 9.27 -12.66
N VAL A 153 -8.97 8.66 -11.68
CA VAL A 153 -9.07 9.17 -10.32
C VAL A 153 -8.20 8.28 -9.45
N TYR A 154 -7.34 8.88 -8.64
CA TYR A 154 -6.33 8.14 -7.87
C TYR A 154 -6.53 8.42 -6.39
N ILE A 155 -6.70 7.36 -5.59
CA ILE A 155 -6.94 7.53 -4.15
C ILE A 155 -6.14 6.52 -3.33
N GLU A 156 -5.95 6.85 -2.06
CA GLU A 156 -5.31 6.01 -1.06
C GLU A 156 -6.21 6.01 0.16
N THR A 157 -6.47 4.83 0.73
CA THR A 157 -7.28 4.82 1.95
C THR A 157 -7.01 3.58 2.81
N PRO A 158 -6.76 3.76 4.12
CA PRO A 158 -6.55 5.02 4.84
C PRO A 158 -5.36 5.81 4.30
N ALA A 159 -5.31 7.09 4.61
CA ALA A 159 -4.26 7.97 4.10
C ALA A 159 -3.51 8.59 5.26
N ASN A 160 -2.19 8.69 5.13
CA ASN A 160 -1.40 9.39 6.13
C ASN A 160 -1.64 10.89 6.01
N PRO A 161 -1.32 11.67 7.08
CA PRO A 161 -0.75 11.26 8.36
C PRO A 161 -1.75 11.01 9.48
N THR A 162 -3.03 11.34 9.25
CA THR A 162 -4.05 11.19 10.29
C THR A 162 -5.02 10.06 10.01
N LEU A 163 -4.69 9.16 9.07
N LEU A 163 -4.71 9.18 9.05
CA LEU A 163 -5.48 7.97 8.80
CA LEU A 163 -5.50 7.97 8.81
C LEU A 163 -6.92 8.30 8.43
C LEU A 163 -6.93 8.28 8.41
N SER A 164 -7.10 9.36 7.65
CA SER A 164 -8.39 9.67 7.07
C SER A 164 -8.76 8.64 6.00
N LEU A 165 -10.04 8.57 5.67
CA LEU A 165 -10.54 7.56 4.77
C LEU A 165 -11.09 8.18 3.49
N VAL A 166 -11.26 7.33 2.48
CA VAL A 166 -11.96 7.68 1.24
C VAL A 166 -13.01 6.61 0.98
N ASP A 167 -14.21 7.04 0.60
CA ASP A 167 -15.32 6.13 0.35
C ASP A 167 -15.12 5.56 -1.05
N ILE A 168 -14.56 4.34 -1.13
CA ILE A 168 -14.19 3.76 -2.43
C ILE A 168 -15.40 3.61 -3.33
N GLU A 169 -16.48 3.02 -2.80
CA GLU A 169 -17.64 2.73 -3.63
C GLU A 169 -18.26 4.01 -4.19
N THR A 170 -18.39 5.04 -3.35
CA THR A 170 -18.97 6.30 -3.81
C THR A 170 -18.08 6.94 -4.87
N VAL A 171 -16.76 6.93 -4.65
CA VAL A 171 -15.85 7.55 -5.59
C VAL A 171 -15.82 6.78 -6.90
N ALA A 172 -15.84 5.44 -6.84
CA ALA A 172 -15.90 4.63 -8.06
C ALA A 172 -17.12 5.01 -8.91
N GLY A 173 -18.29 5.17 -8.28
CA GLY A 173 -19.47 5.54 -9.04
C GLY A 173 -19.35 6.89 -9.72
N ILE A 174 -18.75 7.87 -9.03
CA ILE A 174 -18.53 9.19 -9.61
C ILE A 174 -17.54 9.10 -10.77
N ALA A 175 -16.40 8.43 -10.56
CA ALA A 175 -15.42 8.30 -11.62
C ALA A 175 -16.03 7.65 -12.86
N HIS A 176 -16.79 6.57 -12.66
CA HIS A 176 -17.33 5.83 -13.80
C HIS A 176 -18.38 6.62 -14.55
N GLN A 177 -19.23 7.36 -13.84
CA GLN A 177 -20.22 8.18 -14.52
C GLN A 177 -19.56 9.22 -15.41
N GLN A 178 -18.38 9.71 -15.03
CA GLN A 178 -17.65 10.68 -15.82
C GLN A 178 -16.59 10.05 -16.72
N GLY A 179 -16.62 8.74 -16.91
CA GLY A 179 -15.80 8.10 -17.92
C GLY A 179 -14.37 7.82 -17.54
N ALA A 180 -14.03 7.83 -16.26
CA ALA A 180 -12.66 7.63 -15.80
C ALA A 180 -12.53 6.32 -15.05
N LEU A 181 -11.29 5.84 -14.93
CA LEU A 181 -10.97 4.68 -14.12
C LEU A 181 -10.62 5.13 -12.71
N LEU A 182 -10.89 4.26 -11.72
CA LEU A 182 -10.48 4.50 -10.35
C LEU A 182 -9.32 3.57 -10.01
N VAL A 183 -8.20 4.15 -9.59
CA VAL A 183 -7.03 3.41 -9.13
C VAL A 183 -6.91 3.63 -7.63
N VAL A 184 -6.78 2.54 -6.86
CA VAL A 184 -6.67 2.62 -5.41
C VAL A 184 -5.36 1.99 -4.96
N ASP A 185 -4.58 2.75 -4.18
CA ASP A 185 -3.41 2.21 -3.49
C ASP A 185 -3.90 1.59 -2.19
N ASN A 186 -3.83 0.26 -2.11
CA ASN A 186 -4.36 -0.53 -1.01
C ASN A 186 -3.24 -1.03 -0.07
N THR A 187 -2.07 -0.38 -0.13
CA THR A 187 -0.90 -0.84 0.64
C THR A 187 -1.19 -0.93 2.13
N PHE A 188 -1.84 0.09 2.70
N PHE A 188 -1.84 0.10 2.68
CA PHE A 188 -1.99 0.16 4.15
CA PHE A 188 -2.06 0.25 4.12
C PHE A 188 -2.83 -0.99 4.69
C PHE A 188 -2.84 -0.94 4.68
N MET A 189 -3.84 -1.41 3.94
CA MET A 189 -4.73 -2.42 4.49
CA MET A 189 -4.79 -2.42 4.42
C MET A 189 -4.38 -3.85 4.10
N SER A 190 -3.84 -4.07 2.90
CA SER A 190 -3.63 -5.39 2.29
C SER A 190 -4.98 -5.96 1.86
N PRO A 191 -5.01 -6.95 0.97
CA PRO A 191 -6.31 -7.53 0.59
C PRO A 191 -7.01 -8.24 1.74
N TYR A 192 -6.29 -8.55 2.82
CA TYR A 192 -6.95 -9.20 3.97
C TYR A 192 -7.93 -8.26 4.65
N CYS A 193 -7.70 -6.94 4.57
CA CYS A 193 -8.52 -6.00 5.31
C CYS A 193 -9.40 -5.11 4.43
N GLN A 194 -9.11 -5.00 3.13
CA GLN A 194 -9.91 -4.15 2.26
C GLN A 194 -9.75 -4.66 0.84
N GLN A 195 -10.84 -4.64 0.07
CA GLN A 195 -10.85 -5.16 -1.30
C GLN A 195 -11.45 -4.14 -2.26
N PRO A 196 -10.65 -3.19 -2.72
CA PRO A 196 -11.20 -2.09 -3.54
C PRO A 196 -11.89 -2.53 -4.81
N LEU A 197 -11.43 -3.61 -5.47
CA LEU A 197 -12.10 -4.05 -6.68
C LEU A 197 -13.52 -4.50 -6.43
N GLN A 198 -13.78 -5.08 -5.24
CA GLN A 198 -15.13 -5.48 -4.90
C GLN A 198 -16.04 -4.28 -4.65
N LEU A 199 -15.46 -3.11 -4.42
CA LEU A 199 -16.24 -1.89 -4.21
C LEU A 199 -16.29 -1.00 -5.44
N GLY A 200 -15.82 -1.48 -6.58
CA GLY A 200 -15.93 -0.76 -7.83
C GLY A 200 -14.64 -0.19 -8.38
N ALA A 201 -13.54 -0.25 -7.65
CA ALA A 201 -12.27 0.20 -8.22
C ALA A 201 -11.92 -0.66 -9.44
N ASP A 202 -11.19 -0.06 -10.37
CA ASP A 202 -10.77 -0.75 -11.59
C ASP A 202 -9.40 -1.39 -11.44
N ILE A 203 -8.50 -0.75 -10.70
CA ILE A 203 -7.11 -1.19 -10.57
C ILE A 203 -6.70 -0.96 -9.13
N VAL A 204 -6.00 -1.94 -8.54
CA VAL A 204 -5.43 -1.83 -7.22
C VAL A 204 -3.92 -1.92 -7.36
N VAL A 205 -3.20 -1.06 -6.63
CA VAL A 205 -1.75 -1.13 -6.56
C VAL A 205 -1.35 -1.31 -5.10
N HIS A 206 -0.22 -1.99 -4.89
CA HIS A 206 0.37 -2.09 -3.58
C HIS A 206 1.87 -1.91 -3.66
N SER A 207 2.43 -1.36 -2.59
CA SER A 207 3.82 -1.61 -2.25
C SER A 207 3.81 -2.90 -1.45
N VAL A 208 4.36 -3.99 -2.02
CA VAL A 208 4.48 -5.23 -1.26
C VAL A 208 5.54 -5.12 -0.19
N THR A 209 6.35 -4.07 -0.25
CA THR A 209 7.35 -3.72 0.75
C THR A 209 6.77 -3.67 2.15
N LYS A 210 5.48 -3.37 2.25
CA LYS A 210 4.82 -3.24 3.57
C LYS A 210 4.23 -4.55 4.01
N TYR A 211 2.91 -4.62 4.23
CA TYR A 211 2.29 -5.82 4.82
C TYR A 211 2.31 -7.11 4.00
N ILE A 212 2.21 -7.01 2.67
CA ILE A 212 2.08 -8.23 1.87
C ILE A 212 3.31 -9.10 2.06
N ASN A 213 4.50 -8.54 1.88
CA ASN A 213 5.70 -9.28 2.27
C ASN A 213 5.82 -9.36 3.78
N GLY A 214 5.75 -8.20 4.46
CA GLY A 214 5.63 -8.17 5.90
C GLY A 214 6.91 -8.35 6.69
N HIS A 215 8.02 -8.70 6.03
CA HIS A 215 9.23 -9.08 6.76
C HIS A 215 10.38 -8.08 6.62
N GLY A 216 10.12 -6.89 6.08
CA GLY A 216 11.12 -5.84 6.11
C GLY A 216 12.36 -6.11 5.30
N ASP A 217 12.25 -6.92 4.25
CA ASP A 217 13.42 -7.37 3.51
C ASP A 217 13.20 -7.41 2.01
N VAL A 218 12.10 -6.88 1.50
CA VAL A 218 11.79 -6.85 0.08
C VAL A 218 11.26 -5.47 -0.27
N ILE A 219 11.81 -4.85 -1.31
CA ILE A 219 11.19 -3.71 -1.98
CA ILE A 219 11.17 -3.72 -1.97
C ILE A 219 10.51 -4.24 -3.23
N GLY A 220 9.23 -3.92 -3.41
CA GLY A 220 8.50 -4.43 -4.54
C GLY A 220 7.09 -3.88 -4.58
N GLY A 221 6.46 -4.05 -5.74
CA GLY A 221 5.08 -3.62 -5.91
C GLY A 221 4.27 -4.67 -6.64
N ILE A 222 2.95 -4.46 -6.64
CA ILE A 222 2.07 -5.31 -7.43
C ILE A 222 0.91 -4.47 -7.92
N ILE A 223 0.43 -4.83 -9.11
CA ILE A 223 -0.74 -4.22 -9.75
C ILE A 223 -1.75 -5.34 -9.98
N VAL A 224 -3.02 -5.09 -9.67
CA VAL A 224 -4.08 -6.07 -9.93
C VAL A 224 -5.22 -5.38 -10.66
N GLY A 225 -5.73 -6.04 -11.70
CA GLY A 225 -6.88 -5.51 -12.43
C GLY A 225 -7.34 -6.47 -13.52
N LYS A 226 -8.07 -5.92 -14.49
CA LYS A 226 -8.58 -6.72 -15.59
C LYS A 226 -7.42 -7.22 -16.47
N GLN A 227 -7.62 -8.40 -17.07
CA GLN A 227 -6.59 -8.97 -17.94
C GLN A 227 -6.20 -8.02 -19.05
N GLU A 228 -7.18 -7.34 -19.66
CA GLU A 228 -6.87 -6.45 -20.78
CA GLU A 228 -6.87 -6.45 -20.78
C GLU A 228 -5.93 -5.33 -20.34
N PHE A 229 -6.18 -4.73 -19.18
CA PHE A 229 -5.30 -3.68 -18.70
C PHE A 229 -3.95 -4.24 -18.28
N ILE A 230 -3.94 -5.36 -17.55
CA ILE A 230 -2.67 -5.90 -17.06
C ILE A 230 -1.77 -6.27 -18.23
N ASP A 231 -2.35 -6.79 -19.32
CA ASP A 231 -1.56 -7.10 -20.51
C ASP A 231 -0.88 -5.85 -21.04
N GLN A 232 -1.59 -4.71 -21.04
CA GLN A 232 -0.96 -3.47 -21.48
C GLN A 232 0.10 -3.00 -20.49
N ALA A 233 -0.18 -3.09 -19.18
CA ALA A 233 0.81 -2.69 -18.20
C ALA A 233 2.08 -3.54 -18.30
N ARG A 234 1.94 -4.81 -18.68
CA ARG A 234 3.10 -5.69 -18.82
C ARG A 234 3.83 -5.44 -20.13
N PHE A 235 3.13 -5.53 -21.26
CA PHE A 235 3.80 -5.53 -22.55
C PHE A 235 4.10 -4.13 -23.07
N VAL A 236 3.58 -3.08 -22.44
CA VAL A 236 3.93 -1.70 -22.79
C VAL A 236 4.54 -0.99 -21.59
N GLY A 237 3.80 -0.94 -20.48
CA GLY A 237 4.30 -0.23 -19.32
C GLY A 237 5.64 -0.74 -18.81
N LEU A 238 5.71 -2.03 -18.47
CA LEU A 238 6.98 -2.58 -17.99
C LEU A 238 7.99 -2.70 -19.13
N LYS A 239 7.56 -3.22 -20.28
CA LYS A 239 8.50 -3.52 -21.35
C LYS A 239 9.03 -2.26 -22.03
N ASP A 240 8.18 -1.24 -22.20
CA ASP A 240 8.53 -0.08 -23.02
C ASP A 240 8.51 1.24 -22.27
N ILE A 241 8.36 1.24 -20.94
CA ILE A 241 8.39 2.51 -20.22
C ILE A 241 9.26 2.48 -18.97
N THR A 242 8.87 1.71 -17.96
CA THR A 242 9.61 1.77 -16.70
C THR A 242 10.71 0.71 -16.57
N GLY A 243 10.53 -0.43 -17.24
CA GLY A 243 11.48 -1.51 -17.12
C GLY A 243 11.53 -1.89 -15.66
N GLY A 244 10.35 -1.84 -15.02
CA GLY A 244 10.23 -2.14 -13.60
C GLY A 244 9.95 -3.58 -13.22
N SCH A 245 10.88 -4.47 -13.56
CA SCH A 245 10.76 -5.87 -13.22
CA SCH A 245 10.74 -5.87 -13.23
CB SCH A 245 11.90 -6.64 -13.89
CB SCH A 245 11.86 -6.71 -13.84
SG SCH A 245 12.01 -6.38 -15.62
SG SCH A 245 12.00 -6.60 -15.58
SD SCH A 245 9.98 -6.61 -16.13
SD SCH A 245 9.99 -6.53 -16.18
CE SCH A 245 9.50 -8.22 -15.62
CE SCH A 245 9.99 -5.13 -17.23
C SCH A 245 11.03 -6.18 -11.77
O SCH A 245 11.91 -5.63 -11.12
N MET A 246 10.26 -7.14 -11.23
CA MET A 246 10.56 -7.73 -9.93
C MET A 246 11.51 -8.90 -10.16
N SER A 247 12.55 -9.03 -9.33
CA SER A 247 13.42 -10.18 -9.51
C SER A 247 12.75 -11.45 -8.98
N PRO A 248 13.06 -12.62 -9.56
CA PRO A 248 12.41 -13.86 -9.09
C PRO A 248 12.65 -14.13 -7.63
N PHE A 249 13.84 -13.80 -7.11
CA PHE A 249 14.11 -14.03 -5.69
C PHE A 249 13.23 -13.15 -4.82
N ASN A 250 13.02 -11.89 -5.21
CA ASN A 250 12.11 -11.04 -4.45
C ASN A 250 10.67 -11.56 -4.54
N ALA A 251 10.28 -12.10 -5.69
CA ALA A 251 8.94 -12.68 -5.81
C ALA A 251 8.80 -13.88 -4.89
N TRP A 252 9.85 -14.70 -4.82
CA TRP A 252 9.80 -15.88 -3.96
C TRP A 252 9.74 -15.48 -2.49
N LEU A 253 10.50 -14.46 -2.09
CA LEU A 253 10.42 -13.98 -0.71
C LEU A 253 9.03 -13.43 -0.40
N THR A 254 8.43 -12.72 -1.37
CA THR A 254 7.09 -12.17 -1.13
C THR A 254 6.06 -13.28 -1.04
N LEU A 255 6.17 -14.31 -1.90
CA LEU A 255 5.30 -15.48 -1.75
C LEU A 255 5.42 -16.08 -0.36
N ARG A 256 6.65 -16.19 0.14
CA ARG A 256 6.90 -16.75 1.46
C ARG A 256 6.29 -15.87 2.55
N GLY A 257 6.51 -14.56 2.45
CA GLY A 257 5.95 -13.65 3.45
C GLY A 257 4.43 -13.63 3.46
N VAL A 258 3.81 -13.70 2.28
CA VAL A 258 2.36 -13.60 2.20
C VAL A 258 1.67 -14.83 2.78
N LYS A 259 2.37 -15.97 2.89
CA LYS A 259 1.79 -17.17 3.52
C LYS A 259 1.19 -16.85 4.89
N THR A 260 1.79 -15.93 5.63
CA THR A 260 1.33 -15.58 6.97
C THR A 260 0.52 -14.28 7.01
N LEU A 261 0.05 -13.79 5.86
CA LEU A 261 -0.63 -12.50 5.84
C LEU A 261 -1.83 -12.46 6.79
N GLY A 262 -2.65 -13.51 6.79
CA GLY A 262 -3.87 -13.48 7.60
C GLY A 262 -3.55 -13.44 9.08
N ILE A 263 -2.70 -14.35 9.54
CA ILE A 263 -2.34 -14.37 10.96
C ILE A 263 -1.57 -13.13 11.36
N ARG A 264 -0.75 -12.58 10.45
CA ARG A 264 -0.04 -11.35 10.77
C ARG A 264 -1.01 -10.18 10.91
N MET A 265 -1.91 -10.01 9.94
CA MET A 265 -2.84 -8.87 10.02
C MET A 265 -3.72 -8.97 11.26
N GLU A 266 -4.17 -10.18 11.61
CA GLU A 266 -4.97 -10.32 12.82
C GLU A 266 -4.20 -9.85 14.05
N ARG A 267 -2.92 -10.22 14.16
CA ARG A 267 -2.14 -9.83 15.32
C ARG A 267 -1.76 -8.35 15.29
N HIS A 268 -1.35 -7.84 14.12
CA HIS A 268 -1.10 -6.40 14.00
C HIS A 268 -2.29 -5.59 14.49
N CYS A 269 -3.50 -5.97 14.06
CA CYS A 269 -4.69 -5.17 14.36
C CYS A 269 -5.14 -5.36 15.80
N GLU A 270 -5.03 -6.59 16.33
CA GLU A 270 -5.34 -6.79 17.74
C GLU A 270 -4.39 -5.98 18.61
N ASN A 271 -3.10 -5.99 18.28
CA ASN A 271 -2.14 -5.20 19.03
C ASN A 271 -2.41 -3.71 18.89
N ALA A 272 -2.69 -3.25 17.65
CA ALA A 272 -2.90 -1.83 17.42
C ALA A 272 -4.11 -1.30 18.16
N LEU A 273 -5.20 -2.08 18.21
CA LEU A 273 -6.39 -1.61 18.93
C LEU A 273 -6.09 -1.44 20.41
N LYS A 274 -5.36 -2.39 21.01
CA LYS A 274 -4.98 -2.25 22.41
CA LYS A 274 -4.98 -2.25 22.41
C LYS A 274 -4.14 -1.01 22.63
N ILE A 275 -3.16 -0.77 21.75
CA ILE A 275 -2.29 0.38 21.91
C ILE A 275 -3.04 1.68 21.69
N ALA A 276 -3.93 1.70 20.68
CA ALA A 276 -4.72 2.91 20.43
C ALA A 276 -5.59 3.27 21.63
N ARG A 277 -6.17 2.26 22.29
CA ARG A 277 -7.01 2.55 23.46
C ARG A 277 -6.15 3.03 24.63
N PHE A 278 -4.96 2.46 24.81
CA PHE A 278 -4.05 2.95 25.83
C PHE A 278 -3.72 4.42 25.59
N LEU A 279 -3.36 4.77 24.36
CA LEU A 279 -3.01 6.16 24.04
C LEU A 279 -4.20 7.10 24.23
N GLU A 280 -5.41 6.65 23.87
CA GLU A 280 -6.59 7.50 24.04
C GLU A 280 -6.90 7.76 25.51
N GLY A 281 -6.48 6.88 26.40
CA GLY A 281 -6.65 7.10 27.82
C GLY A 281 -5.52 7.85 28.49
N HIS A 282 -4.49 8.25 27.73
CA HIS A 282 -3.30 8.83 28.33
C HIS A 282 -3.38 10.35 28.35
N PRO A 283 -3.31 11.00 29.52
CA PRO A 283 -3.52 12.46 29.58
C PRO A 283 -2.41 13.30 28.96
N SER A 284 -1.28 12.70 28.61
CA SER A 284 -0.22 13.41 27.90
C SER A 284 -0.37 13.35 26.39
N ILE A 285 -1.39 12.67 25.89
CA ILE A 285 -1.60 12.48 24.45
C ILE A 285 -2.84 13.27 24.07
N THR A 286 -2.68 14.26 23.18
CA THR A 286 -3.81 15.14 22.89
C THR A 286 -4.80 14.48 21.92
N ARG A 287 -4.31 13.72 20.93
CA ARG A 287 -5.16 13.12 19.92
C ARG A 287 -4.59 11.76 19.55
N VAL A 288 -5.48 10.85 19.17
CA VAL A 288 -5.11 9.53 18.65
C VAL A 288 -5.92 9.28 17.39
N TYR A 289 -5.23 8.99 16.29
CA TYR A 289 -5.85 8.74 15.00
C TYR A 289 -5.76 7.24 14.73
N TYR A 290 -6.89 6.57 14.75
CA TYR A 290 -6.97 5.13 14.50
C TYR A 290 -8.39 4.79 14.09
N PRO A 291 -8.58 4.11 12.95
CA PRO A 291 -9.95 3.79 12.50
C PRO A 291 -10.74 2.94 13.48
N GLY A 292 -10.08 2.24 14.41
CA GLY A 292 -10.80 1.41 15.36
C GLY A 292 -11.37 2.15 16.56
N LEU A 293 -11.07 3.44 16.70
CA LEU A 293 -11.63 4.24 17.79
C LEU A 293 -12.90 4.90 17.29
N SER A 294 -13.97 4.83 18.10
CA SER A 294 -15.27 5.32 17.65
C SER A 294 -15.29 6.82 17.42
N SER A 295 -14.32 7.56 17.96
CA SER A 295 -14.24 8.99 17.73
C SER A 295 -13.65 9.36 16.37
N HIS A 296 -13.12 8.39 15.62
CA HIS A 296 -12.62 8.67 14.27
C HIS A 296 -13.73 9.28 13.42
N PRO A 297 -13.45 10.38 12.71
CA PRO A 297 -14.53 11.12 12.02
C PRO A 297 -15.29 10.31 10.97
N GLN A 298 -14.70 9.25 10.44
CA GLN A 298 -15.30 8.41 9.41
C GLN A 298 -15.45 6.98 9.91
N TYR A 299 -15.74 6.84 11.20
CA TYR A 299 -15.72 5.54 11.85
C TYR A 299 -16.66 4.55 11.16
N GLU A 300 -17.90 4.96 10.91
CA GLU A 300 -18.87 4.02 10.36
C GLU A 300 -18.51 3.62 8.93
N LEU A 301 -18.01 4.56 8.12
CA LEU A 301 -17.51 4.20 6.80
C LEU A 301 -16.40 3.15 6.90
N GLY A 302 -15.48 3.34 7.85
CA GLY A 302 -14.43 2.35 8.02
C GLY A 302 -14.96 0.97 8.37
N GLN A 303 -16.00 0.93 9.21
CA GLN A 303 -16.58 -0.36 9.58
C GLN A 303 -17.24 -1.07 8.40
N ARG A 304 -17.75 -0.32 7.41
CA ARG A 304 -18.34 -0.95 6.25
C ARG A 304 -17.29 -1.37 5.22
N GLN A 305 -16.22 -0.61 5.10
CA GLN A 305 -15.26 -0.76 4.01
C GLN A 305 -14.06 -1.62 4.38
N MET A 306 -13.74 -1.74 5.66
N MET A 306 -13.74 -1.73 5.66
CA MET A 306 -12.54 -2.45 6.11
CA MET A 306 -12.54 -2.43 6.14
C MET A 306 -12.95 -3.51 7.11
C MET A 306 -12.97 -3.53 7.10
N SER A 307 -12.38 -4.72 6.95
CA SER A 307 -12.71 -5.82 7.85
C SER A 307 -12.01 -5.71 9.20
N LEU A 308 -10.88 -5.00 9.24
CA LEU A 308 -10.15 -4.70 10.46
C LEU A 308 -9.63 -3.28 10.36
N PRO A 309 -9.38 -2.62 11.49
CA PRO A 309 -9.00 -1.20 11.46
C PRO A 309 -7.54 -0.93 11.17
N GLY A 310 -6.72 -1.97 11.00
CA GLY A 310 -5.35 -1.80 10.54
C GLY A 310 -4.33 -1.84 11.66
N GLY A 311 -3.06 -1.82 11.27
CA GLY A 311 -1.96 -1.85 12.21
C GLY A 311 -1.19 -0.56 12.40
N ILE A 312 -1.67 0.57 11.85
CA ILE A 312 -0.99 1.86 11.93
C ILE A 312 -1.78 2.77 12.85
N ILE A 313 -1.06 3.51 13.69
CA ILE A 313 -1.66 4.53 14.56
C ILE A 313 -0.84 5.80 14.41
N SER A 314 -1.51 6.94 14.41
N SER A 314 -1.50 6.95 14.42
CA SER A 314 -0.85 8.22 14.61
CA SER A 314 -0.81 8.20 14.62
C SER A 314 -1.40 8.84 15.88
C SER A 314 -1.42 8.93 15.80
N PHE A 315 -0.57 9.66 16.52
CA PHE A 315 -1.02 10.32 17.75
C PHE A 315 -0.20 11.58 17.96
N GLU A 316 -0.76 12.53 18.71
CA GLU A 316 -0.08 13.77 19.01
C GLU A 316 0.29 13.82 20.49
N ILE A 317 1.57 14.04 20.77
CA ILE A 317 2.04 14.16 22.15
C ILE A 317 1.99 15.62 22.58
N ALA A 318 1.62 15.85 23.84
CA ALA A 318 1.66 17.17 24.42
C ALA A 318 3.06 17.75 24.35
N GLY A 319 3.17 19.05 24.06
CA GLY A 319 4.45 19.71 24.10
C GLY A 319 5.16 19.87 22.78
N GLY A 320 4.51 19.55 21.65
CA GLY A 320 5.03 19.94 20.35
C GLY A 320 6.32 19.26 19.94
N LEU A 321 7.14 20.02 19.21
CA LEU A 321 8.30 19.45 18.53
C LEU A 321 9.29 18.82 19.50
N GLU A 322 9.63 19.52 20.58
CA GLU A 322 10.65 19.00 21.49
C GLU A 322 10.14 17.79 22.27
N ALA A 323 8.86 17.75 22.59
CA ALA A 323 8.31 16.57 23.24
C ALA A 323 8.33 15.37 22.30
N GLY A 324 7.98 15.57 21.03
CA GLY A 324 8.04 14.47 20.08
C GLY A 324 9.46 13.93 19.91
N ARG A 325 10.44 14.84 19.87
CA ARG A 325 11.83 14.42 19.74
C ARG A 325 12.29 13.68 21.00
N ARG A 326 11.97 14.21 22.17
CA ARG A 326 12.33 13.53 23.42
C ARG A 326 11.67 12.16 23.49
N MET A 327 10.44 12.04 23.01
N MET A 327 10.44 12.03 23.00
CA MET A 327 9.73 10.76 23.07
CA MET A 327 9.74 10.75 23.08
C MET A 327 10.41 9.70 22.22
C MET A 327 10.40 9.69 22.21
N ILE A 328 10.66 10.00 20.94
CA ILE A 328 11.28 8.98 20.10
C ILE A 328 12.71 8.68 20.54
N ASN A 329 13.39 9.63 21.17
CA ASN A 329 14.71 9.37 21.73
C ASN A 329 14.68 8.58 23.02
N SER A 330 13.49 8.30 23.57
CA SER A 330 13.37 7.60 24.83
C SER A 330 12.79 6.20 24.71
N VAL A 331 12.35 5.79 23.53
CA VAL A 331 11.88 4.41 23.36
C VAL A 331 13.06 3.45 23.38
N GLU A 332 12.84 2.24 23.90
CA GLU A 332 13.87 1.20 24.00
C GLU A 332 13.57 -0.03 23.17
N LEU A 333 12.32 -0.22 22.77
CA LEU A 333 11.90 -1.39 22.00
C LEU A 333 11.47 -1.02 20.59
N CYS A 334 10.57 -0.03 20.47
CA CYS A 334 10.22 0.52 19.17
C CYS A 334 11.48 1.02 18.48
N LEU A 335 11.55 0.80 17.17
CA LEU A 335 12.72 1.19 16.39
C LEU A 335 12.38 2.39 15.51
N LEU A 336 13.34 3.32 15.42
CA LEU A 336 13.12 4.56 14.67
C LEU A 336 13.37 4.30 13.20
N ALA A 337 12.33 4.38 12.38
CA ALA A 337 12.44 4.07 10.96
C ALA A 337 11.23 4.66 10.25
N VAL A 338 11.29 4.70 8.91
N VAL A 338 11.41 4.87 8.94
CA VAL A 338 10.25 5.33 8.12
CA VAL A 338 10.28 5.07 8.05
C VAL A 338 9.36 4.34 7.36
C VAL A 338 9.82 3.66 7.69
N SER A 339 9.61 3.04 7.43
N SER A 339 9.03 3.54 6.63
CA SER A 339 8.76 2.07 6.73
CA SER A 339 8.40 2.28 6.27
C SER A 339 7.58 1.64 7.61
C SER A 339 7.46 1.80 7.37
N LEU A 340 6.77 0.72 7.10
CA LEU A 340 5.68 0.19 7.93
C LEU A 340 5.34 -1.20 7.44
N GLY A 341 4.57 -1.91 8.26
CA GLY A 341 4.15 -3.23 7.89
C GLY A 341 5.13 -4.34 8.20
N ASP A 342 6.18 -4.06 8.97
CA ASP A 342 7.18 -5.05 9.35
C ASP A 342 6.75 -5.79 10.61
N THR A 343 7.44 -6.89 10.93
CA THR A 343 7.10 -7.61 12.15
C THR A 343 7.54 -6.89 13.41
N GLU A 344 8.50 -5.97 13.31
CA GLU A 344 8.92 -5.14 14.43
C GLU A 344 8.11 -3.85 14.46
N THR A 345 7.86 -3.35 15.68
CA THR A 345 7.17 -2.07 15.83
C THR A 345 8.13 -0.94 15.44
N LEU A 346 7.67 -0.06 14.55
CA LEU A 346 8.45 1.05 14.05
C LEU A 346 7.76 2.36 14.40
N ILE A 347 8.56 3.38 14.70
CA ILE A 347 8.06 4.66 15.16
C ILE A 347 8.78 5.78 14.42
N GLN A 348 8.06 6.86 14.15
CA GLN A 348 8.72 8.02 13.55
C GLN A 348 8.03 9.29 13.99
N HIS A 349 8.79 10.39 13.95
CA HIS A 349 8.31 11.71 14.33
C HIS A 349 8.60 12.60 13.13
N PRO A 350 7.63 12.75 12.22
CA PRO A 350 7.94 13.43 10.94
C PRO A 350 8.50 14.83 11.10
N ALA A 351 7.98 15.62 12.03
CA ALA A 351 8.39 17.02 12.11
C ALA A 351 9.88 17.16 12.42
N SER A 352 10.47 16.20 13.15
CA SER A 352 11.90 16.25 13.43
C SER A 352 12.72 15.29 12.57
N MET A 353 12.07 14.34 11.90
CA MET A 353 12.79 13.40 11.05
C MET A 353 12.64 13.75 9.58
N THR A 354 11.56 13.29 8.95
CA THR A 354 11.44 13.38 7.50
C THR A 354 11.13 14.79 7.01
N HIS A 355 10.43 15.59 7.82
CA HIS A 355 9.99 16.91 7.38
C HIS A 355 10.71 18.04 8.11
N SER A 356 11.89 17.75 8.68
CA SER A 356 12.62 18.78 9.41
C SER A 356 12.93 20.03 8.58
N PRO A 357 13.35 19.94 7.31
CA PRO A 357 13.60 21.17 6.54
C PRO A 357 12.35 21.81 5.94
N VAL A 358 11.17 21.25 6.13
CA VAL A 358 9.94 21.85 5.63
C VAL A 358 9.49 22.94 6.61
N ALA A 359 8.99 24.05 6.07
CA ALA A 359 8.57 25.15 6.90
C ALA A 359 7.44 24.71 7.84
N PRO A 360 7.47 25.10 9.12
CA PRO A 360 6.46 24.60 10.07
C PRO A 360 5.03 24.90 9.65
N GLU A 361 4.76 26.06 9.07
CA GLU A 361 3.41 26.35 8.59
C GLU A 361 3.06 25.52 7.37
N GLU A 362 4.08 25.06 6.60
CA GLU A 362 3.81 24.19 5.46
C GLU A 362 3.55 22.75 5.91
N ARG A 363 4.19 22.32 7.00
CA ARG A 363 3.85 21.03 7.56
C ARG A 363 2.43 21.05 8.12
N LEU A 364 2.06 22.16 8.78
CA LEU A 364 0.74 22.28 9.38
C LEU A 364 -0.37 22.14 8.34
N LYS A 365 -0.22 22.78 7.18
CA LYS A 365 -1.24 22.61 6.14
C LYS A 365 -1.28 21.18 5.62
N ALA A 366 -0.16 20.47 5.68
CA ALA A 366 -0.11 19.07 5.28
C ALA A 366 -0.60 18.12 6.36
N GLY A 367 -1.11 18.64 7.47
CA GLY A 367 -1.60 17.79 8.55
C GLY A 367 -0.54 17.26 9.47
N ILE A 368 0.70 17.72 9.36
CA ILE A 368 1.80 17.24 10.17
C ILE A 368 2.04 18.28 11.26
N THR A 369 1.48 18.04 12.44
CA THR A 369 1.77 18.93 13.55
C THR A 369 3.10 18.57 14.19
N ASP A 370 3.64 19.53 14.94
CA ASP A 370 4.96 19.34 15.54
C ASP A 370 5.01 18.17 16.51
N GLY A 371 3.88 17.81 17.11
CA GLY A 371 3.83 16.72 18.06
C GLY A 371 3.35 15.39 17.50
N LEU A 372 3.16 15.29 16.18
CA LEU A 372 2.57 14.07 15.60
C LEU A 372 3.62 12.97 15.52
N ILE A 373 3.24 11.78 16.00
CA ILE A 373 4.05 10.56 15.95
C ILE A 373 3.27 9.52 15.16
N ARG A 374 3.97 8.77 14.30
CA ARG A 374 3.36 7.66 13.58
C ARG A 374 3.95 6.35 14.06
N LEU A 375 3.10 5.36 14.30
CA LEU A 375 3.50 4.08 14.85
C LEU A 375 3.02 2.96 13.94
N SER A 376 3.94 2.10 13.51
CA SER A 376 3.59 0.87 12.80
C SER A 376 3.70 -0.26 13.83
N VAL A 377 2.56 -0.80 14.25
CA VAL A 377 2.54 -1.77 15.34
C VAL A 377 2.95 -3.15 14.85
N GLY A 378 3.93 -3.77 15.52
CA GLY A 378 4.46 -5.06 15.14
C GLY A 378 3.81 -6.23 15.87
N LEU A 379 4.53 -7.36 15.89
CA LEU A 379 4.02 -8.61 16.42
C LEU A 379 4.50 -8.92 17.84
N GLU A 380 5.20 -7.97 18.49
CA GLU A 380 5.62 -8.13 19.86
C GLU A 380 4.41 -8.24 20.79
N ASP A 381 4.67 -8.61 22.04
CA ASP A 381 3.61 -8.56 23.03
C ASP A 381 3.14 -7.12 23.19
N PRO A 382 1.83 -6.85 23.07
CA PRO A 382 1.36 -5.46 23.19
C PRO A 382 1.67 -4.84 24.53
N GLU A 383 1.72 -5.66 25.59
CA GLU A 383 2.09 -5.13 26.89
C GLU A 383 3.50 -4.54 26.87
N ASP A 384 4.42 -5.17 26.12
CA ASP A 384 5.76 -4.63 26.03
C ASP A 384 5.79 -3.34 25.22
N ILE A 385 5.02 -3.28 24.14
N ILE A 385 5.01 -3.28 24.13
CA ILE A 385 4.95 -2.04 23.37
CA ILE A 385 4.92 -2.05 23.35
C ILE A 385 4.33 -0.92 24.21
C ILE A 385 4.33 -0.93 24.19
N ILE A 386 3.23 -1.22 24.91
CA ILE A 386 2.59 -0.21 25.75
C ILE A 386 3.53 0.26 26.85
N ASN A 387 4.26 -0.67 27.48
CA ASN A 387 5.20 -0.26 28.52
C ASN A 387 6.29 0.64 27.96
N ASP A 388 6.76 0.35 26.75
CA ASP A 388 7.78 1.18 26.13
C ASP A 388 7.24 2.56 25.82
N LEU A 389 6.03 2.63 25.24
CA LEU A 389 5.42 3.93 24.96
C LEU A 389 5.19 4.70 26.24
N GLU A 390 4.69 4.03 27.29
CA GLU A 390 4.43 4.72 28.55
C GLU A 390 5.72 5.27 29.14
N HIS A 391 6.80 4.48 29.12
CA HIS A 391 8.09 4.92 29.60
C HIS A 391 8.56 6.17 28.85
N ALA A 392 8.44 6.15 27.52
CA ALA A 392 8.94 7.25 26.72
C ALA A 392 8.06 8.49 26.83
N ILE A 393 6.74 8.32 26.85
CA ILE A 393 5.83 9.46 26.99
C ILE A 393 6.07 10.16 28.32
N ARG A 394 6.20 9.38 29.40
CA ARG A 394 6.42 10.00 30.70
C ARG A 394 7.71 10.79 30.74
N LYS A 395 8.77 10.25 30.16
CA LYS A 395 10.02 11.00 30.08
C LYS A 395 9.87 12.27 29.25
N ALA A 396 9.20 12.16 28.10
CA ALA A 396 9.15 13.27 27.15
C ALA A 396 8.35 14.45 27.66
N THR A 397 7.46 14.23 28.61
CA THR A 397 6.57 15.28 29.08
C THR A 397 7.03 15.83 30.43
C1 PGE B . -11.32 -10.36 3.45
O1 PGE B . -11.90 -11.64 3.30
C2 PGE B . -12.25 -9.28 3.04
O2 PGE B . -11.69 -8.01 3.35
C3 PGE B . -12.57 -6.92 3.04
C4 PGE B . -13.79 -7.02 3.89
O4 PGE B . -16.72 -5.74 6.59
C6 PGE B . -15.57 -5.69 5.78
C5 PGE B . -15.88 -5.98 4.34
O3 PGE B . -14.67 -5.96 3.58
N1 PLP C . 2.26 3.74 -1.27
C2 PLP C . 2.17 3.55 0.04
C2A PLP C . 0.78 3.73 0.73
C3 PLP C . 3.31 3.19 0.80
O3 PLP C . 3.19 2.99 2.18
C4 PLP C . 4.53 3.03 0.17
C4A PLP C . 5.83 2.60 1.03
C5 PLP C . 4.61 3.24 -1.18
C6 PLP C . 3.49 3.59 -1.92
C5A PLP C . 5.97 3.11 -1.94
O4P PLP C . 6.34 1.77 -2.14
P PLP C . 7.84 1.40 -2.37
O1P PLP C . 8.28 2.00 -3.68
O2P PLP C . 7.89 -0.13 -2.39
O3P PLP C . 8.64 1.99 -1.28
#